data_2R1F
#
_entry.id   2R1F
#
_cell.length_a   92.783
_cell.length_b   92.783
_cell.length_c   181.931
_cell.angle_alpha   90.00
_cell.angle_beta   90.00
_cell.angle_gamma   90.00
#
_symmetry.space_group_name_H-M   'P 43 21 2'
#
loop_
_entity.id
_entity.type
_entity.pdbx_description
1 polymer 'Predicted aminodeoxychorismate lyase'
2 non-polymer 'CADMIUM ION'
3 non-polymer 'SULFATE ION'
4 non-polymer GLYCEROL
5 water water
#
_entity_poly.entity_id   1
_entity_poly.type   'polypeptide(L)'
_entity_poly.pdbx_seq_one_letter_code
;SLLRIEPDLSHFKAGTYRFTPQ(MSE)TVRE(MSE)LKLLESGKEAQFPLRLVEG(MSE)RLSDYLKQLREAPYIKHTLS
DDKYATVAQALELENPEWIEGWFWPDTW(MSE)YTANTTDVALLKRAHKK(MSE)VKAVDSAWEGRADGLPYKDKNQLVT
(MSE)ASIIEKETAVASERDQVASVFINRLRIG(MSE)RLQTDPTVIYG(MSE)GERYNGKLSRADLETPTAYNTYTITG
LPPGAIATPGADSLKAAAHPAKTPYLYFVADGKGGHTFNTNLASHNKSVQDYLKVLKEKNAQ
;
_entity_poly.pdbx_strand_id   A,B
#
loop_
_chem_comp.id
_chem_comp.type
_chem_comp.name
_chem_comp.formula
CD non-polymer 'CADMIUM ION' 'Cd 2'
GOL non-polymer GLYCEROL 'C3 H8 O3'
SO4 non-polymer 'SULFATE ION' 'O4 S -2'
#
# COMPACT_ATOMS: atom_id res chain seq x y z
N HIS A 11 -15.92 -37.79 -16.59
CA HIS A 11 -15.56 -38.52 -15.33
C HIS A 11 -14.26 -37.98 -14.74
N PHE A 12 -13.26 -37.79 -15.61
CA PHE A 12 -11.99 -37.17 -15.24
C PHE A 12 -12.10 -35.66 -15.45
N LYS A 13 -11.66 -34.90 -14.46
CA LYS A 13 -11.64 -33.44 -14.55
C LYS A 13 -10.22 -32.89 -14.63
N ALA A 14 -9.89 -32.29 -15.77
CA ALA A 14 -8.57 -31.70 -16.01
C ALA A 14 -8.29 -30.51 -15.07
N GLY A 15 -7.04 -30.38 -14.65
CA GLY A 15 -6.65 -29.27 -13.79
C GLY A 15 -5.31 -29.43 -13.10
N THR A 16 -4.98 -28.46 -12.23
CA THR A 16 -3.73 -28.46 -11.51
C THR A 16 -3.92 -28.95 -10.08
N TYR A 17 -3.47 -30.18 -9.80
CA TYR A 17 -3.72 -30.85 -8.53
C TYR A 17 -2.40 -31.13 -7.84
N ARG A 18 -2.44 -31.38 -6.54
CA ARG A 18 -1.22 -31.68 -5.78
C ARG A 18 -1.09 -33.14 -5.30
N PHE A 19 0.08 -33.71 -5.53
CA PHE A 19 0.37 -35.11 -5.25
C PHE A 19 1.35 -35.28 -4.09
N THR A 20 0.87 -35.88 -3.00
CA THR A 20 1.68 -36.14 -1.82
C THR A 20 2.63 -37.33 -2.07
N PRO A 21 3.80 -37.38 -1.36
CA PRO A 21 4.76 -38.49 -1.54
C PRO A 21 4.21 -39.90 -1.26
N GLN A 22 3.37 -40.02 -0.23
CA GLN A 22 2.80 -41.30 0.18
C GLN A 22 1.35 -41.44 -0.30
N MSE A 23 1.04 -40.83 -1.45
CA MSE A 23 -0.30 -40.88 -2.00
C MSE A 23 -0.61 -42.25 -2.56
O MSE A 23 0.21 -42.84 -3.27
CB MSE A 23 -0.50 -39.84 -3.11
CG MSE A 23 -1.95 -39.45 -3.30
SE MSE A 23 -2.30 -38.28 -4.82
CE MSE A 23 -4.00 -37.58 -4.14
N THR A 24 -1.79 -42.75 -2.23
CA THR A 24 -2.28 -44.00 -2.78
C THR A 24 -2.97 -43.74 -4.12
N VAL A 25 -3.03 -44.77 -4.96
CA VAL A 25 -3.74 -44.71 -6.24
C VAL A 25 -5.25 -44.50 -6.00
N ARG A 26 -5.73 -45.06 -4.89
CA ARG A 26 -7.08 -44.80 -4.35
C ARG A 26 -7.34 -43.29 -4.24
N GLU A 27 -6.39 -42.58 -3.64
CA GLU A 27 -6.49 -41.14 -3.41
C GLU A 27 -6.33 -40.33 -4.70
N MSE A 28 -5.43 -40.75 -5.58
CA MSE A 28 -5.17 -40.08 -6.85
C MSE A 28 -6.38 -40.12 -7.78
O MSE A 28 -6.68 -39.15 -8.47
CB MSE A 28 -3.95 -40.67 -7.57
CG MSE A 28 -3.85 -40.27 -9.02
SE MSE A 28 -2.67 -41.37 -10.07
CE MSE A 28 -3.80 -41.66 -11.64
N LEU A 29 -7.06 -41.26 -7.79
CA LEU A 29 -8.30 -41.45 -8.54
C LEU A 29 -9.39 -40.50 -8.07
N LYS A 30 -9.50 -40.37 -6.74
CA LYS A 30 -10.48 -39.51 -6.09
C LYS A 30 -10.20 -38.04 -6.40
N LEU A 31 -8.94 -37.66 -6.31
CA LEU A 31 -8.49 -36.29 -6.57
C LEU A 31 -8.75 -35.87 -8.01
N LEU A 32 -8.46 -36.76 -8.95
CA LEU A 32 -8.52 -36.44 -10.38
C LEU A 32 -9.95 -36.33 -10.94
N GLU A 33 -10.92 -36.79 -10.17
CA GLU A 33 -12.33 -36.64 -10.50
C GLU A 33 -12.93 -35.43 -9.81
N SER A 34 -12.44 -35.13 -8.61
CA SER A 34 -13.03 -34.14 -7.69
C SER A 34 -13.05 -32.71 -8.21
N GLY A 35 -12.04 -32.34 -8.99
CA GLY A 35 -11.93 -30.97 -9.52
C GLY A 35 -11.39 -29.98 -8.50
N LYS A 36 -11.05 -30.47 -7.31
CA LYS A 36 -10.48 -29.65 -6.24
C LYS A 36 -9.01 -29.32 -6.53
N GLU A 37 -8.83 -28.35 -7.43
CA GLU A 37 -7.51 -27.94 -7.90
C GLU A 37 -6.75 -27.10 -6.88
N ALA A 38 -5.51 -26.74 -7.25
CA ALA A 38 -4.73 -25.77 -6.50
C ALA A 38 -5.29 -24.37 -6.77
N GLN A 39 -5.51 -23.62 -5.69
CA GLN A 39 -6.00 -22.25 -5.75
C GLN A 39 -4.82 -21.27 -5.69
N PHE A 40 -4.89 -20.23 -6.52
CA PHE A 40 -3.85 -19.19 -6.58
C PHE A 40 -4.39 -17.85 -6.09
N PRO A 41 -3.63 -17.13 -5.24
CA PRO A 41 -4.14 -15.87 -4.70
C PRO A 41 -3.87 -14.63 -5.55
N LEU A 42 -4.84 -13.73 -5.56
CA LEU A 42 -4.67 -12.38 -6.13
C LEU A 42 -5.36 -11.38 -5.22
N ARG A 43 -4.59 -10.56 -4.54
CA ARG A 43 -5.15 -9.56 -3.68
C ARG A 43 -5.41 -8.29 -4.47
N LEU A 44 -6.66 -8.02 -4.74
CA LEU A 44 -7.11 -6.77 -5.32
C LEU A 44 -7.53 -5.86 -4.16
N VAL A 45 -6.81 -4.77 -3.97
CA VAL A 45 -6.98 -3.94 -2.78
C VAL A 45 -7.96 -2.78 -3.03
N GLU A 46 -8.81 -2.52 -2.04
CA GLU A 46 -9.73 -1.39 -2.06
C GLU A 46 -8.96 -0.07 -2.07
N GLY A 47 -9.44 0.89 -2.86
CA GLY A 47 -8.77 2.17 -2.99
C GLY A 47 -7.89 2.24 -4.22
N MSE A 48 -7.62 1.08 -4.82
CA MSE A 48 -6.88 1.02 -6.07
C MSE A 48 -7.86 1.16 -7.23
O MSE A 48 -9.04 0.92 -7.06
CB MSE A 48 -6.10 -0.29 -6.21
CG MSE A 48 -5.12 -0.57 -5.08
SE MSE A 48 -3.67 0.71 -5.05
CE MSE A 48 -2.40 -0.17 -6.23
N ARG A 49 -7.33 1.54 -8.39
CA ARG A 49 -8.13 1.66 -9.59
C ARG A 49 -8.18 0.32 -10.32
N LEU A 50 -9.09 0.20 -11.29
CA LEU A 50 -9.14 -0.97 -12.15
C LEU A 50 -7.82 -1.15 -12.92
N SER A 51 -7.19 -0.05 -13.34
CA SER A 51 -5.91 -0.10 -14.05
C SER A 51 -4.82 -0.76 -13.22
N ASP A 52 -4.88 -0.59 -11.90
CA ASP A 52 -3.96 -1.25 -10.97
C ASP A 52 -4.19 -2.75 -10.96
N TYR A 53 -5.47 -3.15 -11.00
CA TYR A 53 -5.86 -4.56 -11.02
C TYR A 53 -5.45 -5.19 -12.35
N LEU A 54 -5.62 -4.46 -13.43
CA LEU A 54 -5.27 -4.94 -14.76
C LEU A 54 -3.77 -5.23 -14.88
N LYS A 55 -2.96 -4.37 -14.27
CA LYS A 55 -1.52 -4.56 -14.22
CA LYS A 55 -1.51 -4.56 -14.21
C LYS A 55 -1.17 -5.82 -13.43
N GLN A 56 -1.91 -6.03 -12.33
CA GLN A 56 -1.72 -7.21 -11.47
C GLN A 56 -2.04 -8.50 -12.20
N LEU A 57 -3.03 -8.47 -13.10
CA LEU A 57 -3.42 -9.63 -13.90
C LEU A 57 -2.37 -9.96 -14.95
N ARG A 58 -1.69 -8.94 -15.47
CA ARG A 58 -0.61 -9.11 -16.44
C ARG A 58 0.62 -9.77 -15.81
N GLU A 59 0.78 -9.60 -14.51
CA GLU A 59 1.95 -10.10 -13.78
C GLU A 59 1.65 -11.34 -12.93
N ALA A 60 0.39 -11.79 -12.95
CA ALA A 60 -0.04 -12.93 -12.15
C ALA A 60 0.30 -14.26 -12.84
N PRO A 61 0.84 -15.23 -12.07
CA PRO A 61 1.15 -16.55 -12.62
C PRO A 61 -0.11 -17.33 -13.04
N TYR A 62 -0.01 -18.01 -14.18
CA TYR A 62 -1.06 -18.91 -14.71
C TYR A 62 -2.37 -18.24 -15.08
N ILE A 63 -2.31 -16.96 -15.43
CA ILE A 63 -3.46 -16.23 -15.96
C ILE A 63 -3.41 -16.24 -17.47
N LYS A 64 -4.51 -16.67 -18.10
CA LYS A 64 -4.65 -16.63 -19.54
C LYS A 64 -5.02 -15.21 -19.97
N HIS A 65 -4.12 -14.54 -20.67
CA HIS A 65 -4.31 -13.13 -21.06
C HIS A 65 -5.06 -13.00 -22.38
N THR A 66 -6.36 -12.71 -22.27
CA THR A 66 -7.23 -12.63 -23.44
C THR A 66 -7.53 -11.20 -23.89
N LEU A 67 -7.39 -10.24 -22.96
CA LEU A 67 -7.64 -8.83 -23.24
C LEU A 67 -6.61 -8.27 -24.22
N SER A 68 -7.11 -7.69 -25.32
CA SER A 68 -6.28 -7.11 -26.39
CA SER A 68 -6.25 -7.14 -26.37
C SER A 68 -5.36 -6.00 -25.86
N ASP A 69 -5.93 -5.15 -25.01
CA ASP A 69 -5.17 -4.15 -24.22
C ASP A 69 -5.91 -3.86 -22.93
N ASP A 70 -5.30 -3.09 -22.04
CA ASP A 70 -5.89 -2.83 -20.73
C ASP A 70 -6.66 -1.50 -20.65
N LYS A 71 -7.04 -0.98 -21.82
CA LYS A 71 -7.95 0.17 -21.88
C LYS A 71 -9.29 -0.24 -21.31
N TYR A 72 -9.94 0.68 -20.61
CA TYR A 72 -11.22 0.41 -19.94
C TYR A 72 -12.35 0.07 -20.92
N ALA A 73 -12.28 0.60 -22.13
CA ALA A 73 -13.28 0.28 -23.16
C ALA A 73 -13.15 -1.16 -23.62
N THR A 74 -11.92 -1.67 -23.63
CA THR A 74 -11.64 -3.06 -23.98
C THR A 74 -12.26 -3.97 -22.91
N VAL A 75 -11.97 -3.65 -21.65
CA VAL A 75 -12.47 -4.39 -20.50
C VAL A 75 -14.01 -4.36 -20.42
N ALA A 76 -14.60 -3.20 -20.69
CA ALA A 76 -16.06 -3.07 -20.72
C ALA A 76 -16.72 -3.92 -21.81
N GLN A 77 -16.06 -4.02 -22.96
CA GLN A 77 -16.53 -4.82 -24.08
C GLN A 77 -16.45 -6.31 -23.76
N ALA A 78 -15.32 -6.73 -23.20
CA ALA A 78 -15.06 -8.12 -22.81
C ALA A 78 -15.98 -8.63 -21.70
N LEU A 79 -16.34 -7.74 -20.77
CA LEU A 79 -17.25 -8.07 -19.68
C LEU A 79 -18.71 -7.93 -20.09
N GLU A 80 -18.92 -7.30 -21.25
CA GLU A 80 -20.25 -7.06 -21.83
C GLU A 80 -21.19 -6.29 -20.90
N LEU A 81 -20.74 -5.11 -20.46
CA LEU A 81 -21.53 -4.26 -19.59
C LEU A 81 -22.59 -3.51 -20.40
N GLU A 82 -23.74 -3.26 -19.79
CA GLU A 82 -24.84 -2.51 -20.42
C GLU A 82 -24.39 -1.07 -20.67
N ASN A 83 -23.90 -0.43 -19.62
CA ASN A 83 -23.29 0.89 -19.72
CA ASN A 83 -23.32 0.90 -19.68
C ASN A 83 -21.79 0.79 -19.47
N PRO A 84 -21.03 0.88 -20.56
CA PRO A 84 -19.56 0.81 -20.52
C PRO A 84 -18.87 1.97 -19.81
N GLU A 85 -19.64 3.00 -19.46
CA GLU A 85 -19.13 4.18 -18.76
CA GLU A 85 -19.06 4.15 -18.77
C GLU A 85 -19.18 3.98 -17.25
N TRP A 86 -19.97 3.00 -16.83
CA TRP A 86 -20.09 2.61 -15.42
C TRP A 86 -19.13 1.47 -15.16
N ILE A 87 -17.84 1.77 -15.07
CA ILE A 87 -16.84 0.72 -14.99
C ILE A 87 -15.97 0.82 -13.75
N GLU A 88 -15.35 1.98 -13.53
CA GLU A 88 -14.44 2.20 -12.41
C GLU A 88 -15.24 2.08 -11.12
N GLY A 89 -14.73 1.29 -10.18
CA GLY A 89 -15.37 1.13 -8.88
C GLY A 89 -16.32 -0.05 -8.79
N TRP A 90 -16.55 -0.71 -9.91
CA TRP A 90 -17.56 -1.75 -9.97
C TRP A 90 -16.95 -3.15 -9.92
N PHE A 91 -15.96 -3.31 -9.05
CA PHE A 91 -15.23 -4.57 -8.88
C PHE A 91 -15.01 -4.80 -7.40
N TRP A 92 -15.36 -5.98 -6.92
CA TRP A 92 -15.23 -6.30 -5.51
C TRP A 92 -13.77 -6.52 -5.12
N PRO A 93 -13.27 -5.76 -4.13
CA PRO A 93 -11.90 -5.95 -3.66
C PRO A 93 -11.81 -7.07 -2.63
N ASP A 94 -10.92 -8.02 -2.87
CA ASP A 94 -10.73 -9.17 -1.99
C ASP A 94 -9.45 -9.87 -2.37
N THR A 95 -9.11 -10.91 -1.61
CA THR A 95 -8.14 -11.88 -2.09
C THR A 95 -8.93 -12.91 -2.90
N TRP A 96 -8.75 -12.87 -4.21
CA TRP A 96 -9.47 -13.76 -5.12
C TRP A 96 -8.66 -15.01 -5.41
N MSE A 97 -9.31 -16.16 -5.22
CA MSE A 97 -8.69 -17.45 -5.49
C MSE A 97 -9.07 -17.91 -6.89
O MSE A 97 -10.24 -18.00 -7.22
CB MSE A 97 -9.14 -18.48 -4.45
CG MSE A 97 -8.71 -18.15 -3.02
SE MSE A 97 -6.77 -17.89 -2.82
CE MSE A 97 -6.72 -17.52 -0.90
N TYR A 98 -8.07 -18.15 -7.73
CA TYR A 98 -8.31 -18.65 -9.07
C TYR A 98 -7.52 -19.94 -9.36
N THR A 99 -8.11 -20.82 -10.14
CA THR A 99 -7.42 -22.01 -10.61
C THR A 99 -6.54 -21.64 -11.80
N ALA A 100 -5.52 -22.45 -12.06
CA ALA A 100 -4.60 -22.18 -13.18
C ALA A 100 -5.32 -22.20 -14.52
N ASN A 101 -4.84 -21.36 -15.45
CA ASN A 101 -5.42 -21.19 -16.80
C ASN A 101 -6.78 -20.49 -16.87
N THR A 102 -7.25 -19.97 -15.73
CA THR A 102 -8.39 -19.05 -15.68
C THR A 102 -8.01 -17.78 -16.43
N THR A 103 -8.92 -17.28 -17.27
CA THR A 103 -8.68 -16.06 -18.03
C THR A 103 -8.78 -14.82 -17.15
N ASP A 104 -8.12 -13.74 -17.61
CA ASP A 104 -8.23 -12.43 -16.98
C ASP A 104 -9.68 -11.92 -16.92
N VAL A 105 -10.41 -12.09 -18.03
CA VAL A 105 -11.83 -11.71 -18.16
C VAL A 105 -12.75 -12.44 -17.17
N ALA A 106 -12.54 -13.75 -16.99
CA ALA A 106 -13.37 -14.57 -16.09
C ALA A 106 -13.20 -14.19 -14.63
N LEU A 107 -11.99 -13.77 -14.27
CA LEU A 107 -11.72 -13.31 -12.91
C LEU A 107 -12.33 -11.93 -12.65
N LEU A 108 -12.25 -11.04 -13.63
CA LEU A 108 -12.86 -9.71 -13.54
C LEU A 108 -14.39 -9.80 -13.52
N LYS A 109 -14.94 -10.77 -14.25
CA LYS A 109 -16.37 -11.03 -14.30
C LYS A 109 -16.89 -11.47 -12.94
N ARG A 110 -16.11 -12.29 -12.24
CA ARG A 110 -16.43 -12.68 -10.87
C ARG A 110 -16.40 -11.47 -9.94
N ALA A 111 -15.41 -10.60 -10.13
CA ALA A 111 -15.26 -9.42 -9.30
C ALA A 111 -16.39 -8.44 -9.54
N HIS A 112 -16.73 -8.23 -10.81
CA HIS A 112 -17.84 -7.35 -11.18
C HIS A 112 -19.17 -7.82 -10.60
N LYS A 113 -19.48 -9.10 -10.77
CA LYS A 113 -20.75 -9.66 -10.32
C LYS A 113 -20.94 -9.56 -8.83
N LYS A 114 -19.89 -9.81 -8.06
CA LYS A 114 -19.94 -9.66 -6.62
C LYS A 114 -20.17 -8.21 -6.18
N MSE A 115 -19.58 -7.26 -6.90
CA MSE A 115 -19.83 -5.84 -6.61
C MSE A 115 -21.26 -5.45 -6.93
O MSE A 115 -21.90 -4.77 -6.13
CB MSE A 115 -18.84 -4.92 -7.32
CG MSE A 115 -18.96 -3.45 -6.89
SE MSE A 115 -18.71 -3.13 -4.96
CE MSE A 115 -16.91 -2.38 -4.97
N VAL A 116 -21.77 -5.88 -8.08
CA VAL A 116 -23.15 -5.61 -8.49
C VAL A 116 -24.14 -6.05 -7.41
N LYS A 117 -23.96 -7.26 -6.88
CA LYS A 117 -24.77 -7.78 -5.79
C LYS A 117 -24.66 -6.93 -4.52
N ALA A 118 -23.44 -6.53 -4.17
CA ALA A 118 -23.16 -5.70 -3.00
C ALA A 118 -23.75 -4.31 -3.12
N VAL A 119 -23.68 -3.74 -4.32
CA VAL A 119 -24.16 -2.38 -4.57
C VAL A 119 -25.67 -2.36 -4.55
N ASP A 120 -26.30 -3.36 -5.19
CA ASP A 120 -27.76 -3.50 -5.20
C ASP A 120 -28.32 -3.65 -3.78
N SER A 121 -27.60 -4.37 -2.93
CA SER A 121 -27.98 -4.54 -1.53
C SER A 121 -27.81 -3.25 -0.74
N ALA A 122 -26.76 -2.50 -1.05
CA ALA A 122 -26.49 -1.20 -0.43
C ALA A 122 -27.56 -0.18 -0.83
N TRP A 123 -27.89 -0.16 -2.12
CA TRP A 123 -28.89 0.73 -2.71
C TRP A 123 -30.28 0.55 -2.11
N GLU A 124 -30.78 -0.69 -2.05
CA GLU A 124 -32.12 -0.96 -1.56
C GLU A 124 -32.28 -0.68 -0.06
N GLY A 125 -31.21 -0.93 0.70
CA GLY A 125 -31.23 -0.72 2.14
C GLY A 125 -30.77 0.64 2.61
N ARG A 126 -30.44 1.53 1.67
CA ARG A 126 -29.86 2.85 1.97
C ARG A 126 -30.76 3.79 2.76
N ALA A 127 -30.15 4.76 3.43
CA ALA A 127 -30.88 5.79 4.15
C ALA A 127 -31.72 6.66 3.22
N ASP A 128 -32.81 7.18 3.74
CA ASP A 128 -33.74 8.01 2.96
C ASP A 128 -33.28 9.47 2.82
N GLY A 129 -33.60 10.08 1.68
CA GLY A 129 -33.25 11.48 1.44
C GLY A 129 -31.78 11.73 1.14
N LEU A 130 -31.12 10.72 0.58
CA LEU A 130 -29.77 10.85 0.04
C LEU A 130 -29.90 11.37 -1.40
N PRO A 131 -28.96 12.21 -1.85
CA PRO A 131 -29.17 12.92 -3.12
C PRO A 131 -28.81 12.16 -4.41
N TYR A 132 -28.48 10.87 -4.31
CA TYR A 132 -28.08 10.07 -5.48
C TYR A 132 -29.23 9.79 -6.44
N LYS A 133 -28.96 9.87 -7.73
CA LYS A 133 -29.95 9.56 -8.77
C LYS A 133 -29.91 8.08 -9.15
N ASP A 134 -28.71 7.54 -9.29
CA ASP A 134 -28.53 6.13 -9.65
C ASP A 134 -27.48 5.43 -8.79
N LYS A 135 -27.34 4.12 -9.01
CA LYS A 135 -26.39 3.29 -8.27
C LYS A 135 -24.93 3.69 -8.49
N ASN A 136 -24.63 4.19 -9.70
CA ASN A 136 -23.27 4.64 -10.04
C ASN A 136 -22.81 5.84 -9.20
N GLN A 137 -23.77 6.67 -8.80
CA GLN A 137 -23.49 7.82 -7.95
C GLN A 137 -23.15 7.41 -6.51
N LEU A 138 -23.82 6.38 -6.01
CA LEU A 138 -23.51 5.80 -4.71
C LEU A 138 -22.08 5.24 -4.73
N VAL A 139 -21.74 4.54 -5.81
CA VAL A 139 -20.40 3.97 -6.03
C VAL A 139 -19.33 5.08 -6.16
N THR A 140 -19.70 6.17 -6.84
CA THR A 140 -18.81 7.31 -7.04
C THR A 140 -18.49 7.97 -5.71
N MSE A 141 -19.52 8.22 -4.91
CA MSE A 141 -19.37 8.81 -3.59
C MSE A 141 -18.55 7.94 -2.64
O MSE A 141 -17.67 8.43 -1.93
CB MSE A 141 -20.74 9.09 -2.96
CG MSE A 141 -20.68 9.67 -1.57
SE MSE A 141 -19.60 11.30 -1.49
CE MSE A 141 -20.94 12.52 -2.21
N ALA A 142 -18.86 6.64 -2.65
CA ALA A 142 -18.11 5.64 -1.92
C ALA A 142 -16.62 5.63 -2.28
N SER A 143 -16.29 5.81 -3.56
CA SER A 143 -14.87 5.85 -3.98
C SER A 143 -14.22 7.12 -3.46
N ILE A 144 -15.01 8.19 -3.37
CA ILE A 144 -14.54 9.46 -2.83
C ILE A 144 -14.26 9.38 -1.32
N ILE A 145 -15.18 8.76 -0.58
CA ILE A 145 -15.00 8.46 0.84
C ILE A 145 -13.80 7.56 1.08
N GLU A 146 -13.63 6.55 0.22
CA GLU A 146 -12.52 5.58 0.33
C GLU A 146 -11.17 6.27 0.25
N LYS A 147 -11.04 7.19 -0.71
CA LYS A 147 -9.78 7.88 -0.95
C LYS A 147 -9.49 9.04 0.00
N GLU A 148 -10.47 9.41 0.81
CA GLU A 148 -10.29 10.52 1.74
C GLU A 148 -10.11 10.06 3.19
N THR A 149 -10.76 8.95 3.55
CA THR A 149 -10.74 8.42 4.92
C THR A 149 -9.39 7.85 5.34
N ALA A 150 -8.84 8.41 6.42
CA ALA A 150 -7.58 7.96 6.98
C ALA A 150 -7.75 7.26 8.34
N VAL A 151 -8.81 7.62 9.06
CA VAL A 151 -9.10 7.01 10.37
C VAL A 151 -10.53 6.46 10.35
N ALA A 152 -10.67 5.20 10.73
CA ALA A 152 -11.92 4.45 10.60
C ALA A 152 -13.11 5.01 11.39
N SER A 153 -12.82 5.59 12.56
CA SER A 153 -13.85 6.15 13.44
C SER A 153 -14.40 7.48 12.92
N GLU A 154 -13.73 8.05 11.92
CA GLU A 154 -14.13 9.31 11.32
C GLU A 154 -14.81 9.14 9.96
N ARG A 155 -14.91 7.89 9.50
CA ARG A 155 -15.40 7.56 8.16
C ARG A 155 -16.83 8.04 7.87
N ASP A 156 -17.74 7.78 8.80
CA ASP A 156 -19.16 8.14 8.65
C ASP A 156 -19.38 9.65 8.68
N GLN A 157 -18.47 10.36 9.36
CA GLN A 157 -18.51 11.81 9.42
C GLN A 157 -17.88 12.48 8.19
N VAL A 158 -16.85 11.85 7.61
CA VAL A 158 -16.30 12.31 6.33
C VAL A 158 -17.40 12.19 5.28
N ALA A 159 -18.03 11.01 5.23
CA ALA A 159 -19.19 10.72 4.40
C ALA A 159 -20.30 11.77 4.54
N SER A 160 -20.62 12.10 5.78
CA SER A 160 -21.63 13.09 6.14
C SER A 160 -21.34 14.46 5.53
N VAL A 161 -20.09 14.89 5.63
CA VAL A 161 -19.65 16.17 5.04
C VAL A 161 -19.87 16.23 3.53
N PHE A 162 -19.43 15.19 2.82
CA PHE A 162 -19.54 15.13 1.37
C PHE A 162 -20.99 15.06 0.89
N ILE A 163 -21.80 14.27 1.57
CA ILE A 163 -23.22 14.10 1.23
C ILE A 163 -24.01 15.36 1.60
N ASN A 164 -23.68 15.98 2.75
CA ASN A 164 -24.23 17.29 3.11
C ASN A 164 -23.99 18.30 2.00
N ARG A 165 -22.74 18.40 1.55
CA ARG A 165 -22.37 19.29 0.46
C ARG A 165 -23.11 19.00 -0.83
N LEU A 166 -23.20 17.71 -1.18
CA LEU A 166 -23.83 17.27 -2.41
C LEU A 166 -25.31 17.69 -2.45
N ARG A 167 -25.97 17.53 -1.31
CA ARG A 167 -27.35 17.92 -1.11
C ARG A 167 -27.60 19.42 -1.34
N ILE A 168 -26.76 20.26 -0.77
CA ILE A 168 -27.01 21.70 -0.82
C ILE A 168 -26.30 22.43 -1.94
N GLY A 169 -25.45 21.72 -2.69
CA GLY A 169 -24.83 22.29 -3.89
C GLY A 169 -23.48 22.92 -3.66
N MSE A 170 -22.82 22.52 -2.58
CA MSE A 170 -21.47 22.99 -2.31
C MSE A 170 -20.49 22.03 -2.97
O MSE A 170 -20.63 20.81 -2.81
CB MSE A 170 -21.23 23.10 -0.82
CG MSE A 170 -20.10 24.02 -0.42
SE MSE A 170 -19.89 24.11 1.53
CE MSE A 170 -21.67 24.66 2.00
N ARG A 171 -19.55 22.58 -3.73
CA ARG A 171 -18.50 21.80 -4.39
CA ARG A 171 -18.50 21.81 -4.39
C ARG A 171 -17.73 20.93 -3.38
N LEU A 172 -17.44 19.70 -3.78
CA LEU A 172 -16.90 18.71 -2.85
C LEU A 172 -15.44 18.94 -2.48
N GLN A 173 -14.72 19.60 -3.39
CA GLN A 173 -13.33 20.03 -3.19
C GLN A 173 -12.47 18.91 -2.61
N THR A 174 -12.45 17.79 -3.30
CA THR A 174 -11.71 16.63 -2.83
C THR A 174 -10.58 16.32 -3.83
N ASP A 175 -9.35 16.29 -3.32
CA ASP A 175 -8.13 16.19 -4.13
C ASP A 175 -7.94 14.90 -4.98
N PRO A 176 -8.27 13.71 -4.42
CA PRO A 176 -8.18 12.52 -5.27
C PRO A 176 -8.94 12.58 -6.61
N THR A 177 -10.07 13.30 -6.65
CA THR A 177 -10.86 13.47 -7.87
C THR A 177 -10.19 14.41 -8.87
N VAL A 178 -9.38 15.33 -8.37
CA VAL A 178 -8.60 16.22 -9.23
C VAL A 178 -7.53 15.39 -9.90
N ILE A 179 -6.87 14.56 -9.09
CA ILE A 179 -5.86 13.60 -9.52
C ILE A 179 -6.35 12.63 -10.60
N TYR A 180 -7.45 11.93 -10.33
CA TYR A 180 -8.13 11.09 -11.33
C TYR A 180 -8.41 11.82 -12.65
N GLY A 181 -8.88 13.06 -12.56
CA GLY A 181 -9.22 13.86 -13.74
C GLY A 181 -8.06 14.31 -14.62
N MSE A 182 -6.87 14.37 -14.04
CA MSE A 182 -5.66 14.71 -14.79
C MSE A 182 -5.17 13.54 -15.63
O MSE A 182 -4.55 13.75 -16.68
CB MSE A 182 -4.56 15.16 -13.84
CG MSE A 182 -4.80 16.52 -13.22
SE MSE A 182 -3.31 17.05 -12.08
CE MSE A 182 -3.79 16.15 -10.47
N GLY A 183 -5.44 12.34 -15.17
CA GLY A 183 -5.04 11.13 -15.86
C GLY A 183 -3.53 10.94 -15.76
N GLU A 184 -2.89 10.74 -16.90
CA GLU A 184 -1.45 10.49 -16.95
C GLU A 184 -0.61 11.78 -16.91
N ARG A 185 -1.29 12.92 -16.89
CA ARG A 185 -0.63 14.21 -16.67
C ARG A 185 -0.21 14.40 -15.21
N TYR A 186 -0.72 13.56 -14.32
CA TYR A 186 -0.36 13.59 -12.90
C TYR A 186 1.02 12.98 -12.67
N ASN A 187 2.01 13.84 -12.43
CA ASN A 187 3.40 13.40 -12.20
C ASN A 187 3.69 12.84 -10.81
N GLY A 188 2.81 13.12 -9.85
CA GLY A 188 2.99 12.72 -8.46
C GLY A 188 2.86 13.92 -7.54
N LYS A 189 2.66 15.08 -8.14
CA LYS A 189 2.58 16.36 -7.44
C LYS A 189 1.29 17.10 -7.83
N LEU A 190 0.71 17.78 -6.85
CA LEU A 190 -0.55 18.49 -7.03
C LEU A 190 -0.44 19.93 -6.52
N SER A 191 -0.67 20.88 -7.41
CA SER A 191 -0.48 22.30 -7.10
C SER A 191 -1.80 23.07 -7.22
N ARG A 192 -1.72 24.37 -6.97
CA ARG A 192 -2.86 25.29 -7.07
C ARG A 192 -3.34 25.44 -8.52
N ALA A 193 -2.40 25.37 -9.45
CA ALA A 193 -2.70 25.42 -10.88
C ALA A 193 -3.52 24.20 -11.30
N ASP A 194 -3.16 23.03 -10.73
CA ASP A 194 -3.87 21.78 -10.97
C ASP A 194 -5.30 21.84 -10.42
N LEU A 195 -5.45 22.40 -9.22
CA LEU A 195 -6.76 22.57 -8.57
C LEU A 195 -7.71 23.50 -9.32
N GLU A 196 -7.16 24.47 -10.05
CA GLU A 196 -7.98 25.48 -10.72
C GLU A 196 -8.25 25.17 -12.19
N THR A 197 -7.61 24.11 -12.70
CA THR A 197 -7.85 23.66 -14.07
C THR A 197 -9.06 22.72 -14.12
N PRO A 198 -10.11 23.11 -14.86
CA PRO A 198 -11.32 22.31 -14.97
C PRO A 198 -11.09 21.03 -15.76
N THR A 199 -11.57 19.91 -15.20
CA THR A 199 -11.75 18.65 -15.92
C THR A 199 -13.11 18.14 -15.45
N ALA A 200 -13.61 17.08 -16.09
CA ALA A 200 -14.90 16.47 -15.72
C ALA A 200 -14.93 15.96 -14.28
N TYR A 201 -13.77 15.61 -13.74
CA TYR A 201 -13.66 15.01 -12.40
C TYR A 201 -13.32 15.98 -11.30
N ASN A 202 -12.94 17.20 -11.68
CA ASN A 202 -12.43 18.20 -10.74
C ASN A 202 -13.51 18.80 -9.87
N THR A 203 -13.60 18.34 -8.64
CA THR A 203 -14.61 18.80 -7.68
C THR A 203 -14.35 20.17 -7.04
N TYR A 204 -13.33 20.87 -7.52
CA TYR A 204 -13.12 22.27 -7.15
C TYR A 204 -13.76 23.18 -8.18
N THR A 205 -14.06 22.64 -9.37
CA THR A 205 -14.70 23.42 -10.42
C THR A 205 -16.14 22.97 -10.69
N ILE A 206 -16.40 21.68 -10.64
CA ILE A 206 -17.76 21.18 -10.90
C ILE A 206 -18.57 21.15 -9.62
N THR A 207 -19.89 21.24 -9.76
CA THR A 207 -20.80 21.06 -8.62
C THR A 207 -21.33 19.64 -8.69
N GLY A 208 -21.46 18.99 -7.54
CA GLY A 208 -21.93 17.61 -7.52
C GLY A 208 -20.85 16.59 -7.75
N LEU A 209 -21.28 15.36 -8.00
CA LEU A 209 -20.38 14.23 -8.22
C LEU A 209 -19.75 14.27 -9.60
N PRO A 210 -18.48 13.80 -9.73
CA PRO A 210 -17.85 13.50 -11.02
C PRO A 210 -18.61 12.41 -11.78
N PRO A 211 -18.34 12.24 -13.10
CA PRO A 211 -19.21 11.32 -13.86
C PRO A 211 -19.03 9.81 -13.61
N GLY A 212 -18.12 9.46 -12.70
CA GLY A 212 -17.87 8.05 -12.38
C GLY A 212 -16.99 7.99 -11.16
N ALA A 213 -16.81 6.80 -10.62
CA ALA A 213 -16.01 6.61 -9.40
C ALA A 213 -14.53 6.84 -9.71
N ILE A 214 -13.70 7.02 -8.69
CA ILE A 214 -12.27 7.32 -8.90
C ILE A 214 -11.34 6.20 -8.43
N ALA A 215 -11.91 5.22 -7.74
CA ALA A 215 -11.18 4.08 -7.19
C ALA A 215 -12.17 2.99 -6.84
N THR A 216 -11.68 1.86 -6.34
CA THR A 216 -12.55 0.82 -5.88
C THR A 216 -12.86 1.05 -4.40
N PRO A 217 -14.15 1.26 -4.07
CA PRO A 217 -14.52 1.38 -2.68
C PRO A 217 -14.52 0.02 -1.99
N GLY A 218 -14.23 0.01 -0.70
CA GLY A 218 -14.39 -1.19 0.10
C GLY A 218 -15.80 -1.24 0.65
N ALA A 219 -16.12 -2.32 1.35
CA ALA A 219 -17.43 -2.49 1.98
C ALA A 219 -17.66 -1.43 3.04
N ASP A 220 -16.57 -0.95 3.63
CA ASP A 220 -16.61 0.10 4.65
C ASP A 220 -17.13 1.44 4.08
N SER A 221 -16.59 1.83 2.94
CA SER A 221 -16.93 3.09 2.28
C SER A 221 -18.31 3.05 1.62
N LEU A 222 -18.62 1.92 1.00
CA LEU A 222 -19.93 1.66 0.40
C LEU A 222 -21.07 1.72 1.43
N LYS A 223 -20.81 1.25 2.65
CA LYS A 223 -21.76 1.35 3.76
C LYS A 223 -21.94 2.80 4.21
N ALA A 224 -20.81 3.49 4.36
CA ALA A 224 -20.76 4.89 4.76
C ALA A 224 -21.42 5.81 3.74
N ALA A 225 -21.39 5.43 2.47
CA ALA A 225 -22.07 6.21 1.43
C ALA A 225 -23.58 6.02 1.49
N ALA A 226 -24.02 4.87 2.01
CA ALA A 226 -25.43 4.54 2.08
C ALA A 226 -26.02 4.88 3.44
N HIS A 227 -25.18 4.89 4.47
CA HIS A 227 -25.58 5.26 5.82
C HIS A 227 -24.58 6.21 6.48
N PRO A 228 -24.52 7.48 6.01
CA PRO A 228 -23.63 8.43 6.69
C PRO A 228 -24.18 8.80 8.07
N ALA A 229 -23.30 9.30 8.94
CA ALA A 229 -23.72 9.86 10.21
C ALA A 229 -24.58 11.09 9.96
N LYS A 230 -25.61 11.27 10.79
CA LYS A 230 -26.47 12.43 10.70
C LYS A 230 -25.81 13.62 11.41
N THR A 231 -25.13 14.47 10.65
CA THR A 231 -24.40 15.61 11.22
C THR A 231 -24.71 16.90 10.45
N PRO A 232 -24.45 18.07 11.08
CA PRO A 232 -24.55 19.32 10.33
C PRO A 232 -23.22 19.82 9.74
N TYR A 233 -22.23 18.94 9.62
CA TYR A 233 -20.88 19.36 9.20
C TYR A 233 -20.74 19.51 7.70
N LEU A 234 -19.98 20.52 7.28
CA LEU A 234 -19.71 20.81 5.87
C LEU A 234 -18.22 20.97 5.60
N TYR A 235 -17.42 20.88 6.65
CA TYR A 235 -15.99 21.10 6.58
C TYR A 235 -15.26 20.09 7.43
N PHE A 236 -14.08 19.67 6.98
CA PHE A 236 -13.11 18.99 7.84
C PHE A 236 -11.69 19.37 7.47
N VAL A 237 -10.82 19.40 8.48
CA VAL A 237 -9.41 19.71 8.27
C VAL A 237 -8.59 18.87 9.26
N ALA A 238 -7.35 18.56 8.89
CA ALA A 238 -6.45 17.80 9.76
C ALA A 238 -6.23 18.51 11.09
N ASP A 239 -6.29 17.80 12.20
CA ASP A 239 -6.05 18.40 13.52
C ASP A 239 -4.56 18.55 13.85
N GLY A 240 -3.71 17.99 13.00
CA GLY A 240 -2.26 18.04 13.20
C GLY A 240 -1.70 16.79 13.87
N LYS A 241 -2.58 16.05 14.53
CA LYS A 241 -2.20 14.81 15.21
C LYS A 241 -3.00 13.59 14.73
N GLY A 242 -2.95 13.33 13.43
CA GLY A 242 -3.54 12.13 12.84
C GLY A 242 -5.01 12.15 12.48
N GLY A 243 -5.80 12.94 13.20
CA GLY A 243 -7.25 12.99 12.99
C GLY A 243 -7.73 14.20 12.21
N HIS A 244 -9.04 14.45 12.30
CA HIS A 244 -9.68 15.59 11.62
C HIS A 244 -10.62 16.33 12.53
N THR A 245 -10.71 17.64 12.36
CA THR A 245 -11.67 18.46 13.10
C THR A 245 -12.78 18.90 12.15
N PHE A 246 -14.02 18.64 12.56
CA PHE A 246 -15.19 18.88 11.73
C PHE A 246 -15.91 20.17 12.09
N ASN A 247 -16.42 20.86 11.08
CA ASN A 247 -17.10 22.14 11.28
C ASN A 247 -18.34 22.34 10.41
N THR A 248 -19.23 23.20 10.90
CA THR A 248 -20.52 23.50 10.26
C THR A 248 -20.48 24.77 9.41
N ASN A 249 -19.52 25.65 9.70
CA ASN A 249 -19.43 26.97 9.08
C ASN A 249 -18.00 27.36 8.75
N LEU A 250 -17.83 28.36 7.88
CA LEU A 250 -16.52 28.75 7.38
C LEU A 250 -15.63 29.44 8.42
N ALA A 251 -16.24 30.23 9.30
CA ALA A 251 -15.51 30.92 10.36
C ALA A 251 -14.80 29.91 11.26
N SER A 252 -15.57 28.94 11.77
CA SER A 252 -15.06 27.86 12.60
C SER A 252 -14.01 26.98 11.89
N HIS A 253 -14.19 26.77 10.58
CA HIS A 253 -13.27 25.98 9.77
C HIS A 253 -11.94 26.70 9.61
N ASN A 254 -12.00 27.98 9.26
CA ASN A 254 -10.81 28.81 9.11
C ASN A 254 -10.01 28.96 10.42
N LYS A 255 -10.73 28.93 11.55
CA LYS A 255 -10.09 28.84 12.87
C LYS A 255 -9.33 27.52 13.03
N SER A 256 -9.98 26.41 12.67
CA SER A 256 -9.38 25.08 12.76
C SER A 256 -8.17 24.89 11.84
N VAL A 257 -8.21 25.55 10.68
CA VAL A 257 -7.09 25.58 9.75
C VAL A 257 -5.90 26.26 10.41
N GLN A 258 -6.15 27.42 11.02
CA GLN A 258 -5.14 28.17 11.77
C GLN A 258 -4.56 27.36 12.95
N ASP A 259 -5.40 26.61 13.64
CA ASP A 259 -4.98 25.71 14.72
C ASP A 259 -4.05 24.60 14.22
N TYR A 260 -4.34 24.09 13.03
CA TYR A 260 -3.55 23.05 12.38
C TYR A 260 -2.20 23.59 11.93
N LEU A 261 -2.19 24.82 11.42
CA LEU A 261 -0.97 25.44 10.92
C LEU A 261 0.03 25.79 12.04
N LYS A 262 -0.50 26.02 13.25
CA LYS A 262 0.33 26.27 14.42
C LYS A 262 1.03 25.00 14.87
N VAL A 263 0.30 23.89 14.83
CA VAL A 263 0.83 22.55 15.12
C VAL A 263 1.99 22.20 14.18
N LEU A 264 1.80 22.48 12.90
CA LEU A 264 2.85 22.26 11.90
C LEU A 264 4.04 23.21 12.04
N LYS A 265 3.79 24.40 12.57
CA LYS A 265 4.84 25.38 12.83
C LYS A 265 5.73 24.91 13.98
N GLU A 266 5.10 24.48 15.08
CA GLU A 266 5.79 23.94 16.24
C GLU A 266 6.59 22.66 15.95
N LYS A 267 6.06 21.83 15.06
CA LYS A 267 6.69 20.57 14.70
C LYS A 267 7.90 20.77 13.77
N ASN A 268 7.73 21.60 12.74
CA ASN A 268 8.76 21.73 11.69
C ASN A 268 9.85 22.76 11.96
N ALA A 269 9.47 23.88 12.57
CA ALA A 269 10.43 24.93 12.91
C ALA A 269 11.06 24.64 14.26
N GLN A 270 12.34 24.98 14.39
CA GLN A 270 13.09 24.69 15.61
C GLN A 270 13.66 25.96 16.25
N HIS B 11 11.02 -43.83 -8.33
CA HIS B 11 11.64 -42.47 -8.37
C HIS B 11 10.63 -41.37 -8.76
N PHE B 12 9.47 -41.41 -8.09
CA PHE B 12 8.40 -40.43 -8.28
C PHE B 12 8.64 -39.20 -7.43
N LYS B 13 8.62 -38.02 -8.06
CA LYS B 13 8.82 -36.75 -7.37
C LYS B 13 7.48 -36.09 -7.05
N ALA B 14 7.17 -36.02 -5.76
CA ALA B 14 5.90 -35.47 -5.27
C ALA B 14 5.75 -33.98 -5.56
N GLY B 15 4.51 -33.52 -5.74
CA GLY B 15 4.24 -32.10 -5.92
C GLY B 15 2.96 -31.72 -6.62
N THR B 16 2.84 -30.44 -6.93
CA THR B 16 1.65 -29.88 -7.56
C THR B 16 1.83 -29.80 -9.07
N TYR B 17 1.07 -30.63 -9.78
CA TYR B 17 1.25 -30.79 -11.21
C TYR B 17 0.01 -30.45 -12.01
N ARG B 18 0.23 -30.19 -13.29
CA ARG B 18 -0.79 -29.72 -14.23
C ARG B 18 -1.23 -30.82 -15.18
N PHE B 19 -2.50 -31.21 -15.06
CA PHE B 19 -3.08 -32.30 -15.85
C PHE B 19 -3.94 -31.80 -17.00
N THR B 20 -3.41 -31.95 -18.22
CA THR B 20 -4.12 -31.57 -19.46
C THR B 20 -5.33 -32.49 -19.73
N PRO B 21 -6.35 -32.00 -20.48
CA PRO B 21 -7.56 -32.79 -20.80
C PRO B 21 -7.31 -34.18 -21.39
N GLN B 22 -6.84 -34.27 -22.63
CA GLN B 22 -6.48 -35.56 -23.22
C GLN B 22 -4.98 -35.83 -23.09
N MSE B 23 -4.52 -35.90 -21.85
CA MSE B 23 -3.16 -36.27 -21.52
C MSE B 23 -3.03 -37.78 -21.60
O MSE B 23 -3.96 -38.50 -21.24
CB MSE B 23 -2.84 -35.80 -20.10
CG MSE B 23 -1.37 -35.78 -19.77
SE MSE B 23 -1.01 -35.30 -17.92
CE MSE B 23 0.84 -34.73 -18.20
N THR B 24 -1.87 -38.27 -22.06
CA THR B 24 -1.61 -39.71 -22.09
C THR B 24 -0.98 -40.19 -20.78
N VAL B 25 -1.01 -41.50 -20.57
CA VAL B 25 -0.34 -42.14 -19.42
C VAL B 25 1.16 -41.90 -19.52
N ARG B 26 1.68 -41.98 -20.75
CA ARG B 26 3.07 -41.72 -21.08
C ARG B 26 3.53 -40.34 -20.62
N GLU B 27 2.72 -39.32 -20.92
CA GLU B 27 2.98 -37.94 -20.52
C GLU B 27 2.82 -37.74 -19.02
N MSE B 28 1.87 -38.43 -18.43
CA MSE B 28 1.66 -38.28 -17.02
C MSE B 28 2.75 -38.84 -16.16
O MSE B 28 3.04 -38.27 -15.13
CB MSE B 28 0.33 -38.89 -16.61
CG MSE B 28 0.25 -39.15 -15.16
SE MSE B 28 -1.25 -40.18 -14.71
CE MSE B 28 -0.39 -41.45 -13.64
N LEU B 29 3.35 -39.95 -16.56
CA LEU B 29 4.47 -40.52 -15.82
C LEU B 29 5.71 -39.64 -15.95
N LYS B 30 5.85 -38.98 -17.09
CA LYS B 30 6.94 -38.05 -17.35
C LYS B 30 6.80 -36.81 -16.47
N LEU B 31 5.56 -36.32 -16.36
CA LEU B 31 5.24 -35.17 -15.53
C LEU B 31 5.47 -35.45 -14.04
N LEU B 32 5.04 -36.62 -13.58
CA LEU B 32 5.18 -37.01 -12.17
C LEU B 32 6.62 -37.32 -11.72
N GLU B 33 7.56 -37.28 -12.67
CA GLU B 33 8.96 -37.52 -12.38
C GLU B 33 9.83 -36.31 -12.68
N SER B 34 9.30 -35.38 -13.48
CA SER B 34 10.02 -34.18 -13.89
C SER B 34 10.32 -33.24 -12.73
N GLY B 35 9.36 -33.11 -11.82
CA GLY B 35 9.49 -32.22 -10.67
C GLY B 35 9.12 -30.77 -10.98
N LYS B 36 8.67 -30.53 -12.20
CA LYS B 36 8.28 -29.20 -12.65
C LYS B 36 6.91 -28.80 -12.09
N GLU B 37 6.96 -28.35 -10.82
CA GLU B 37 5.78 -28.00 -10.04
C GLU B 37 5.19 -26.63 -10.41
N ALA B 38 3.94 -26.41 -10.00
CA ALA B 38 3.35 -25.08 -10.01
C ALA B 38 3.92 -24.29 -8.82
N GLN B 39 4.21 -23.02 -9.06
CA GLN B 39 4.79 -22.17 -8.01
C GLN B 39 3.84 -21.04 -7.58
N PHE B 40 3.82 -20.78 -6.29
CA PHE B 40 2.88 -19.82 -5.69
C PHE B 40 3.57 -18.50 -5.34
N PRO B 41 2.86 -17.36 -5.54
CA PRO B 41 3.48 -16.09 -5.19
C PRO B 41 3.29 -15.67 -3.74
N LEU B 42 4.32 -15.04 -3.20
CA LEU B 42 4.27 -14.36 -1.92
C LEU B 42 4.99 -13.03 -2.11
N ARG B 43 4.22 -11.97 -2.32
CA ARG B 43 4.80 -10.65 -2.54
C ARG B 43 5.19 -10.05 -1.19
N LEU B 44 6.48 -9.99 -0.93
CA LEU B 44 7.00 -9.32 0.27
C LEU B 44 7.51 -7.96 -0.16
N VAL B 45 6.81 -6.93 0.28
CA VAL B 45 6.96 -5.57 -0.23
C VAL B 45 7.89 -4.74 0.65
N GLU B 46 8.75 -3.95 0.02
CA GLU B 46 9.67 -3.04 0.70
C GLU B 46 8.90 -1.95 1.45
N GLY B 47 9.42 -1.57 2.62
CA GLY B 47 8.75 -0.60 3.45
C GLY B 47 7.91 -1.26 4.53
N MSE B 48 7.71 -2.56 4.41
CA MSE B 48 6.94 -3.31 5.41
C MSE B 48 7.88 -3.95 6.44
O MSE B 48 9.08 -4.04 6.21
CB MSE B 48 6.07 -4.39 4.77
CG MSE B 48 5.14 -3.88 3.66
SE MSE B 48 3.67 -2.77 4.31
CE MSE B 48 2.50 -4.17 5.02
N ARG B 49 7.32 -4.36 7.57
CA ARG B 49 8.08 -4.96 8.64
C ARG B 49 8.08 -6.49 8.49
N LEU B 50 8.95 -7.16 9.25
CA LEU B 50 8.95 -8.61 9.30
C LEU B 50 7.64 -9.13 9.89
N SER B 51 7.07 -8.41 10.85
CA SER B 51 5.78 -8.82 11.44
C SER B 51 4.65 -8.76 10.41
N ASP B 52 4.79 -7.91 9.40
CA ASP B 52 3.90 -7.91 8.25
C ASP B 52 4.12 -9.15 7.41
N TYR B 53 5.38 -9.49 7.15
CA TYR B 53 5.76 -10.67 6.37
C TYR B 53 5.34 -11.97 7.03
N LEU B 54 5.35 -11.98 8.36
CA LEU B 54 4.98 -13.17 9.14
C LEU B 54 3.47 -13.40 9.18
N LYS B 55 2.70 -12.32 9.07
CA LYS B 55 1.24 -12.43 8.98
C LYS B 55 0.81 -12.92 7.60
N GLN B 56 1.58 -12.51 6.58
CA GLN B 56 1.38 -12.97 5.22
C GLN B 56 1.62 -14.46 5.09
N LEU B 57 2.65 -14.96 5.79
CA LEU B 57 2.99 -16.39 5.77
C LEU B 57 1.92 -17.26 6.42
N ARG B 58 1.31 -16.76 7.50
CA ARG B 58 0.21 -17.46 8.16
C ARG B 58 -1.04 -17.56 7.28
N GLU B 59 -1.26 -16.54 6.45
CA GLU B 59 -2.45 -16.46 5.61
C GLU B 59 -2.24 -17.02 4.20
N ALA B 60 -0.98 -17.33 3.86
CA ALA B 60 -0.63 -17.83 2.52
C ALA B 60 -1.07 -19.28 2.30
N PRO B 61 -1.49 -19.62 1.07
CA PRO B 61 -1.88 -20.99 0.74
C PRO B 61 -0.69 -21.96 0.69
N TYR B 62 -0.86 -23.13 1.31
CA TYR B 62 0.08 -24.26 1.28
C TYR B 62 1.46 -23.92 1.85
N ILE B 63 1.47 -23.38 3.06
CA ILE B 63 2.68 -23.09 3.82
C ILE B 63 2.70 -24.01 5.04
N LYS B 64 3.77 -24.78 5.21
CA LYS B 64 3.91 -25.61 6.41
C LYS B 64 4.41 -24.74 7.57
N HIS B 65 3.57 -24.59 8.59
CA HIS B 65 3.84 -23.67 9.70
C HIS B 65 4.72 -24.30 10.80
N THR B 66 6.02 -24.06 10.71
CA THR B 66 6.97 -24.62 11.69
C THR B 66 7.42 -23.63 12.79
N LEU B 67 6.85 -22.43 12.77
CA LEU B 67 7.14 -21.43 13.81
C LEU B 67 6.13 -21.54 14.94
N SER B 68 6.62 -21.69 16.17
CA SER B 68 5.77 -21.84 17.37
C SER B 68 4.90 -20.61 17.64
N ASP B 69 5.51 -19.43 17.50
CA ASP B 69 4.79 -18.16 17.43
C ASP B 69 5.50 -17.20 16.47
N ASP B 70 4.90 -16.04 16.23
CA ASP B 70 5.45 -15.07 15.29
C ASP B 70 6.32 -13.98 15.95
N LYS B 71 6.81 -14.26 17.15
CA LYS B 71 7.74 -13.35 17.83
C LYS B 71 9.07 -13.33 17.09
N TYR B 72 9.73 -12.17 17.08
CA TYR B 72 10.98 -11.97 16.36
C TYR B 72 12.13 -12.86 16.87
N ALA B 73 12.19 -13.09 18.17
CA ALA B 73 13.25 -13.90 18.79
C ALA B 73 13.15 -15.38 18.40
N THR B 74 11.92 -15.84 18.21
CA THR B 74 11.61 -17.19 17.72
C THR B 74 12.06 -17.34 16.26
N VAL B 75 11.90 -16.28 15.49
CA VAL B 75 12.31 -16.24 14.08
C VAL B 75 13.84 -16.25 13.96
N ALA B 76 14.51 -15.56 14.88
CA ALA B 76 15.98 -15.52 14.95
C ALA B 76 16.57 -16.86 15.43
N GLN B 77 15.80 -17.55 16.26
CA GLN B 77 16.12 -18.89 16.75
CA GLN B 77 16.14 -18.89 16.74
C GLN B 77 16.10 -19.88 15.58
N ALA B 78 14.97 -19.91 14.87
CA ALA B 78 14.74 -20.82 13.75
C ALA B 78 15.66 -20.56 12.55
N LEU B 79 16.10 -19.31 12.40
CA LEU B 79 17.00 -18.92 11.31
C LEU B 79 18.47 -19.10 11.69
N GLU B 80 18.73 -19.36 12.96
CA GLU B 80 20.09 -19.48 13.52
C GLU B 80 20.93 -18.23 13.19
N LEU B 81 20.44 -17.07 13.61
CA LEU B 81 21.13 -15.82 13.34
C LEU B 81 22.27 -15.60 14.32
N GLU B 82 23.42 -15.17 13.80
CA GLU B 82 24.62 -14.89 14.62
C GLU B 82 24.34 -13.77 15.61
N ASN B 83 23.72 -12.70 15.12
CA ASN B 83 23.22 -11.64 15.98
CA ASN B 83 23.23 -11.62 15.96
C ASN B 83 21.70 -11.59 15.89
N PRO B 84 21.01 -12.09 16.94
CA PRO B 84 19.53 -12.12 16.96
C PRO B 84 18.86 -10.75 17.17
N GLU B 85 19.65 -9.71 17.43
CA GLU B 85 19.15 -8.34 17.52
C GLU B 85 19.18 -7.68 16.14
N TRP B 86 19.96 -8.27 15.23
CA TRP B 86 20.08 -7.82 13.85
C TRP B 86 19.06 -8.54 12.96
N ILE B 87 17.78 -8.26 13.18
CA ILE B 87 16.72 -9.02 12.49
C ILE B 87 15.87 -8.20 11.50
N GLU B 88 15.24 -7.12 11.97
CA GLU B 88 14.42 -6.27 11.13
C GLU B 88 15.27 -5.70 10.00
N GLY B 89 14.72 -5.72 8.78
CA GLY B 89 15.40 -5.15 7.61
C GLY B 89 16.31 -6.12 6.88
N TRP B 90 16.48 -7.32 7.45
CA TRP B 90 17.42 -8.31 6.93
C TRP B 90 16.77 -9.39 6.08
N PHE B 91 15.75 -9.00 5.32
CA PHE B 91 15.01 -9.90 4.45
C PHE B 91 14.79 -9.21 3.13
N TRP B 92 15.17 -9.85 2.04
CA TRP B 92 15.09 -9.23 0.72
C TRP B 92 13.63 -9.14 0.25
N PRO B 93 13.16 -7.93 -0.09
CA PRO B 93 11.80 -7.81 -0.56
C PRO B 93 11.66 -8.16 -2.04
N ASP B 94 10.74 -9.07 -2.36
CA ASP B 94 10.51 -9.49 -3.75
C ASP B 94 9.21 -10.26 -3.86
N THR B 95 8.84 -10.61 -5.09
CA THR B 95 7.80 -11.62 -5.31
C THR B 95 8.49 -12.97 -5.23
N TRP B 96 8.30 -13.65 -4.11
CA TRP B 96 8.93 -14.93 -3.85
C TRP B 96 8.06 -16.08 -4.32
N MSE B 97 8.65 -16.94 -5.15
CA MSE B 97 7.95 -18.10 -5.70
C MSE B 97 8.29 -19.36 -4.90
O MSE B 97 9.46 -19.72 -4.78
CB MSE B 97 8.33 -18.29 -7.17
CG MSE B 97 7.89 -17.15 -8.07
SE MSE B 97 5.96 -16.80 -7.93
CE MSE B 97 5.80 -15.39 -9.28
N TYR B 98 7.26 -20.00 -4.36
CA TYR B 98 7.44 -21.24 -3.58
C TYR B 98 6.55 -22.38 -4.08
N THR B 99 6.96 -23.60 -3.78
CA THR B 99 6.19 -24.80 -4.13
C THR B 99 5.34 -25.20 -2.91
N ALA B 100 4.26 -25.94 -3.15
CA ALA B 100 3.33 -26.31 -2.09
C ALA B 100 4.00 -27.11 -0.98
N ASN B 101 3.53 -26.88 0.25
CA ASN B 101 4.06 -27.47 1.49
C ASN B 101 5.51 -27.11 1.83
N THR B 102 5.99 -25.99 1.29
CA THR B 102 7.27 -25.41 1.71
C THR B 102 7.07 -24.77 3.08
N THR B 103 8.05 -24.91 3.96
CA THR B 103 7.99 -24.33 5.29
C THR B 103 8.18 -22.82 5.24
N ASP B 104 7.67 -22.14 6.27
CA ASP B 104 7.85 -20.71 6.45
C ASP B 104 9.31 -20.33 6.67
N VAL B 105 10.01 -21.18 7.44
CA VAL B 105 11.42 -20.99 7.81
C VAL B 105 12.36 -21.01 6.60
N ALA B 106 12.12 -21.93 5.66
CA ALA B 106 12.99 -22.06 4.49
C ALA B 106 12.81 -20.91 3.51
N LEU B 107 11.61 -20.34 3.51
CA LEU B 107 11.27 -19.20 2.68
C LEU B 107 11.88 -17.90 3.24
N LEU B 108 11.82 -17.76 4.57
CA LEU B 108 12.48 -16.66 5.28
C LEU B 108 14.00 -16.77 5.18
N LYS B 109 14.51 -18.00 5.16
CA LYS B 109 15.93 -18.30 5.05
C LYS B 109 16.47 -17.83 3.71
N ARG B 110 15.69 -18.07 2.66
CA ARG B 110 16.01 -17.61 1.31
C ARG B 110 15.99 -16.10 1.21
N ALA B 111 15.03 -15.48 1.89
CA ALA B 111 14.87 -14.03 1.92
C ALA B 111 16.02 -13.39 2.67
N HIS B 112 16.40 -14.00 3.79
CA HIS B 112 17.50 -13.51 4.59
C HIS B 112 18.84 -13.58 3.87
N LYS B 113 19.15 -14.76 3.32
CA LYS B 113 20.40 -14.98 2.59
C LYS B 113 20.57 -14.04 1.40
N LYS B 114 19.47 -13.74 0.72
CA LYS B 114 19.49 -12.81 -0.41
C LYS B 114 19.73 -11.37 0.05
N MSE B 115 19.18 -10.99 1.20
CA MSE B 115 19.42 -9.66 1.75
C MSE B 115 20.89 -9.51 2.18
O MSE B 115 21.54 -8.54 1.81
CB MSE B 115 18.48 -9.29 2.90
CG MSE B 115 18.66 -7.86 3.41
SE MSE B 115 18.55 -6.47 2.02
CE MSE B 115 16.71 -5.89 2.31
N VAL B 116 21.39 -10.50 2.93
CA VAL B 116 22.80 -10.55 3.36
C VAL B 116 23.78 -10.29 2.22
N LYS B 117 23.58 -10.99 1.10
CA LYS B 117 24.39 -10.83 -0.11
C LYS B 117 24.36 -9.41 -0.69
N ALA B 118 23.16 -8.82 -0.75
CA ALA B 118 22.97 -7.47 -1.30
C ALA B 118 23.59 -6.41 -0.40
N VAL B 119 23.46 -6.63 0.91
CA VAL B 119 24.03 -5.76 1.93
C VAL B 119 25.55 -5.79 1.86
N ASP B 120 26.13 -7.00 1.83
CA ASP B 120 27.59 -7.18 1.77
C ASP B 120 28.20 -6.54 0.53
N SER B 121 27.47 -6.57 -0.58
CA SER B 121 27.90 -5.93 -1.82
CA SER B 121 27.90 -5.93 -1.82
C SER B 121 27.80 -4.42 -1.71
N ALA B 122 26.75 -3.95 -1.03
CA ALA B 122 26.52 -2.52 -0.83
C ALA B 122 27.55 -1.95 0.14
N TRP B 123 27.80 -2.68 1.23
CA TRP B 123 28.81 -2.33 2.21
C TRP B 123 30.21 -2.23 1.62
N GLU B 124 30.65 -3.27 0.91
CA GLU B 124 31.99 -3.29 0.32
C GLU B 124 32.18 -2.25 -0.77
N GLY B 125 31.09 -1.86 -1.42
CA GLY B 125 31.15 -0.89 -2.49
C GLY B 125 30.79 0.53 -2.09
N ARG B 126 30.53 0.74 -0.80
CA ARG B 126 30.05 2.04 -0.30
C ARG B 126 31.07 3.18 -0.45
N ALA B 127 30.56 4.42 -0.44
CA ALA B 127 31.38 5.63 -0.54
C ALA B 127 32.27 5.84 0.69
N ASP B 128 33.37 6.57 0.48
CA ASP B 128 34.33 6.87 1.55
C ASP B 128 33.74 7.85 2.57
N GLY B 129 34.07 7.62 3.84
CA GLY B 129 33.73 8.55 4.91
C GLY B 129 32.27 8.56 5.30
N LEU B 130 31.71 7.39 5.55
CA LEU B 130 30.35 7.28 6.07
C LEU B 130 30.45 6.92 7.54
N PRO B 131 29.48 7.38 8.36
CA PRO B 131 29.62 7.20 9.80
C PRO B 131 29.05 5.88 10.33
N TYR B 132 28.81 4.91 9.46
CA TYR B 132 28.30 3.61 9.91
C TYR B 132 29.42 2.82 10.54
N LYS B 133 29.13 2.22 11.68
CA LYS B 133 30.08 1.38 12.42
CA LYS B 133 30.10 1.40 12.38
C LYS B 133 30.04 -0.04 11.87
N ASP B 134 28.83 -0.51 11.57
CA ASP B 134 28.63 -1.86 11.04
C ASP B 134 27.57 -1.90 9.94
N LYS B 135 27.36 -3.10 9.39
CA LYS B 135 26.40 -3.35 8.32
C LYS B 135 24.94 -3.16 8.74
N ASN B 136 24.60 -3.48 9.99
CA ASN B 136 23.26 -3.24 10.54
C ASN B 136 22.88 -1.76 10.54
N GLN B 137 23.87 -0.90 10.67
CA GLN B 137 23.65 0.54 10.67
C GLN B 137 23.36 1.05 9.27
N LEU B 138 24.01 0.44 8.28
CA LEU B 138 23.69 0.68 6.86
C LEU B 138 22.24 0.25 6.56
N VAL B 139 21.83 -0.87 7.13
CA VAL B 139 20.47 -1.40 6.98
C VAL B 139 19.45 -0.51 7.71
N THR B 140 19.82 -0.09 8.93
CA THR B 140 18.99 0.80 9.73
C THR B 140 18.73 2.13 9.00
N MSE B 141 19.80 2.72 8.46
CA MSE B 141 19.70 3.98 7.74
C MSE B 141 18.87 3.82 6.48
O MSE B 141 18.01 4.65 6.17
CB MSE B 141 21.09 4.53 7.40
CG MSE B 141 21.10 5.84 6.63
SE MSE B 141 20.04 7.25 7.48
CE MSE B 141 21.43 7.89 8.72
N ALA B 142 19.12 2.72 5.75
CA ALA B 142 18.37 2.38 4.55
C ALA B 142 16.88 2.28 4.83
N SER B 143 16.51 1.68 5.97
CA SER B 143 15.11 1.56 6.39
C SER B 143 14.48 2.90 6.74
N ILE B 144 15.30 3.84 7.19
CA ILE B 144 14.87 5.19 7.54
C ILE B 144 14.61 5.98 6.26
N ILE B 145 15.53 5.89 5.31
CA ILE B 145 15.38 6.47 3.97
C ILE B 145 14.14 5.95 3.22
N GLU B 146 13.91 4.64 3.30
CA GLU B 146 12.73 3.97 2.70
C GLU B 146 11.40 4.50 3.24
N LYS B 147 11.32 4.70 4.55
CA LYS B 147 10.07 5.12 5.17
C LYS B 147 9.80 6.63 5.10
N GLU B 148 10.80 7.41 4.68
CA GLU B 148 10.62 8.84 4.52
C GLU B 148 9.98 9.14 3.17
N THR B 149 8.65 9.24 3.20
CA THR B 149 7.79 9.35 2.01
C THR B 149 8.15 10.53 1.12
N ALA B 150 8.79 10.24 -0.01
CA ALA B 150 9.20 11.28 -0.95
C ALA B 150 9.12 10.81 -2.39
N VAL B 151 9.44 11.71 -3.32
CA VAL B 151 9.59 11.42 -4.73
C VAL B 151 10.93 10.68 -4.91
N ALA B 152 11.05 9.92 -5.99
CA ALA B 152 12.26 9.14 -6.29
C ALA B 152 13.49 10.02 -6.53
N SER B 153 13.29 11.20 -7.12
CA SER B 153 14.38 12.12 -7.46
C SER B 153 15.04 12.77 -6.24
N GLU B 154 14.28 12.85 -5.14
CA GLU B 154 14.75 13.46 -3.90
C GLU B 154 15.39 12.48 -2.92
N ARG B 155 15.41 11.19 -3.28
CA ARG B 155 15.90 10.12 -2.40
C ARG B 155 17.36 10.29 -1.97
N ASP B 156 18.21 10.69 -2.91
CA ASP B 156 19.63 10.87 -2.64
C ASP B 156 19.88 12.02 -1.67
N GLN B 157 19.05 13.05 -1.77
CA GLN B 157 19.17 14.25 -0.96
C GLN B 157 18.63 14.02 0.45
N VAL B 158 17.53 13.28 0.56
CA VAL B 158 16.97 12.85 1.84
C VAL B 158 17.98 11.99 2.62
N ALA B 159 18.64 11.09 1.88
CA ALA B 159 19.73 10.27 2.39
C ALA B 159 20.86 11.14 2.93
N SER B 160 21.24 12.14 2.14
CA SER B 160 22.32 13.05 2.48
C SER B 160 22.06 13.79 3.78
N VAL B 161 20.85 14.33 3.93
CA VAL B 161 20.44 15.02 5.16
C VAL B 161 20.61 14.15 6.41
N PHE B 162 20.12 12.92 6.34
CA PHE B 162 20.19 11.99 7.47
C PHE B 162 21.61 11.54 7.80
N ILE B 163 22.42 11.33 6.77
CA ILE B 163 23.80 10.89 6.92
C ILE B 163 24.69 12.05 7.42
N ASN B 164 24.51 13.23 6.85
CA ASN B 164 25.11 14.47 7.35
C ASN B 164 24.83 14.69 8.83
N ARG B 165 23.56 14.52 9.23
CA ARG B 165 23.15 14.65 10.64
C ARG B 165 23.81 13.63 11.55
N LEU B 166 23.83 12.38 11.10
CA LEU B 166 24.46 11.28 11.82
C LEU B 166 25.95 11.55 12.04
N ARG B 167 26.61 12.08 11.01
CA ARG B 167 28.02 12.44 11.08
C ARG B 167 28.31 13.50 12.16
N ILE B 168 27.51 14.57 12.20
CA ILE B 168 27.81 15.71 13.08
C ILE B 168 27.17 15.66 14.47
N GLY B 169 26.27 14.72 14.68
CA GLY B 169 25.69 14.51 16.02
C GLY B 169 24.35 15.18 16.24
N MSE B 170 23.69 15.54 15.13
CA MSE B 170 22.37 16.14 15.20
C MSE B 170 21.32 15.03 15.19
O MSE B 170 21.45 14.07 14.43
CB MSE B 170 22.18 17.06 13.99
CG MSE B 170 21.10 18.11 14.16
SE MSE B 170 21.09 19.37 12.66
CE MSE B 170 22.71 20.33 13.04
N ARG B 171 20.33 15.15 16.07
CA ARG B 171 19.23 14.18 16.15
C ARG B 171 18.49 14.09 14.82
N LEU B 172 18.03 12.89 14.48
CA LEU B 172 17.55 12.62 13.13
C LEU B 172 16.11 13.08 12.91
N GLN B 173 15.32 13.04 13.98
CA GLN B 173 13.97 13.58 14.03
C GLN B 173 13.05 13.08 12.92
N THR B 174 13.02 11.76 12.75
CA THR B 174 12.21 11.12 11.72
C THR B 174 11.03 10.36 12.34
N ASP B 175 9.81 10.75 11.95
CA ASP B 175 8.56 10.19 12.49
C ASP B 175 8.40 8.66 12.47
N PRO B 176 8.72 7.98 11.34
CA PRO B 176 8.64 6.51 11.36
C PRO B 176 9.39 5.78 12.48
N THR B 177 10.53 6.32 12.92
CA THR B 177 11.28 5.73 14.03
C THR B 177 10.52 5.85 15.34
N VAL B 178 9.88 6.99 15.55
CA VAL B 178 8.97 7.20 16.69
C VAL B 178 7.82 6.20 16.66
N ILE B 179 7.24 6.01 15.47
CA ILE B 179 6.15 5.05 15.27
C ILE B 179 6.57 3.63 15.61
N TYR B 180 7.75 3.24 15.12
CA TYR B 180 8.32 1.93 15.43
C TYR B 180 8.55 1.73 16.93
N GLY B 181 9.11 2.75 17.58
CA GLY B 181 9.41 2.70 19.02
C GLY B 181 8.22 2.57 19.93
N MSE B 182 7.05 2.99 19.44
CA MSE B 182 5.80 2.84 20.17
C MSE B 182 5.24 1.42 20.12
O MSE B 182 4.50 1.02 21.02
CB MSE B 182 4.74 3.82 19.65
CG MSE B 182 4.97 5.26 20.07
SE MSE B 182 3.59 6.42 19.33
CE MSE B 182 4.21 6.55 17.53
N GLY B 183 5.59 0.68 19.07
CA GLY B 183 5.12 -0.70 18.91
C GLY B 183 3.63 -0.78 18.66
N GLU B 184 2.95 -1.63 19.42
CA GLU B 184 1.50 -1.83 19.26
C GLU B 184 0.67 -0.78 20.02
N ARG B 185 1.34 0.22 20.59
CA ARG B 185 0.67 1.36 21.20
C ARG B 185 0.25 2.40 20.16
N TYR B 186 0.88 2.34 18.98
CA TYR B 186 0.53 3.22 17.87
C TYR B 186 -0.83 2.84 17.32
N ASN B 187 -1.74 3.82 17.32
CA ASN B 187 -3.13 3.62 16.89
C ASN B 187 -3.48 4.37 15.60
N GLY B 188 -2.45 4.85 14.90
CA GLY B 188 -2.64 5.61 13.66
C GLY B 188 -2.46 7.10 13.86
N LYS B 189 -2.37 7.52 15.11
CA LYS B 189 -2.20 8.93 15.46
C LYS B 189 -0.79 9.18 16.01
N LEU B 190 -0.27 10.37 15.75
CA LEU B 190 1.05 10.76 16.22
C LEU B 190 1.01 12.21 16.74
N SER B 191 0.88 12.35 18.05
CA SER B 191 0.77 13.66 18.68
C SER B 191 2.14 14.22 19.04
N ARG B 192 2.15 15.45 19.59
CA ARG B 192 3.37 16.10 20.05
C ARG B 192 3.96 15.39 21.27
N ALA B 193 3.07 14.84 22.11
CA ALA B 193 3.43 14.08 23.29
C ALA B 193 4.14 12.77 22.94
N ASP B 194 3.74 12.17 21.82
CA ASP B 194 4.36 10.96 21.28
C ASP B 194 5.80 11.22 20.84
N LEU B 195 6.03 12.34 20.17
CA LEU B 195 7.37 12.75 19.75
C LEU B 195 8.27 13.09 20.94
N GLU B 196 7.65 13.44 22.06
CA GLU B 196 8.37 13.85 23.27
C GLU B 196 8.65 12.72 24.25
N THR B 197 7.98 11.59 24.07
CA THR B 197 8.16 10.46 24.96
C THR B 197 9.35 9.61 24.51
N PRO B 198 10.37 9.46 25.38
CA PRO B 198 11.58 8.68 25.07
C PRO B 198 11.32 7.19 24.95
N THR B 199 11.74 6.63 23.82
CA THR B 199 11.85 5.18 23.60
C THR B 199 13.22 4.99 22.94
N ALA B 200 13.66 3.73 22.82
CA ALA B 200 14.97 3.43 22.24
C ALA B 200 15.08 3.78 20.75
N TYR B 201 13.94 3.97 20.10
CA TYR B 201 13.89 4.29 18.67
C TYR B 201 13.62 5.77 18.36
N ASN B 202 13.13 6.51 19.35
CA ASN B 202 12.73 7.90 19.15
C ASN B 202 13.91 8.82 18.80
N THR B 203 14.05 9.13 17.51
CA THR B 203 15.13 9.98 17.03
C THR B 203 14.90 11.48 17.26
N TYR B 204 13.82 11.82 17.98
CA TYR B 204 13.63 13.19 18.48
C TYR B 204 14.31 13.35 19.84
N THR B 205 14.52 12.22 20.52
CA THR B 205 15.08 12.20 21.87
C THR B 205 16.49 11.62 21.90
N ILE B 206 16.71 10.55 21.14
CA ILE B 206 18.04 9.94 21.06
C ILE B 206 18.90 10.62 19.98
N THR B 207 20.21 10.55 20.16
CA THR B 207 21.16 11.01 19.15
C THR B 207 21.68 9.77 18.41
N GLY B 208 21.72 9.84 17.08
CA GLY B 208 22.29 8.75 16.28
C GLY B 208 21.23 7.84 15.71
N LEU B 209 21.65 6.66 15.28
CA LEU B 209 20.71 5.69 14.75
C LEU B 209 20.03 4.93 15.88
N PRO B 210 18.78 4.50 15.65
CA PRO B 210 18.11 3.59 16.59
C PRO B 210 18.79 2.20 16.58
N PRO B 211 18.45 1.32 17.54
CA PRO B 211 19.19 0.05 17.71
C PRO B 211 19.15 -0.91 16.51
N GLY B 212 18.12 -0.80 15.69
CA GLY B 212 17.99 -1.60 14.47
C GLY B 212 17.08 -0.93 13.47
N ALA B 213 16.84 -1.60 12.35
CA ALA B 213 16.05 -1.06 11.26
C ALA B 213 14.58 -0.98 11.64
N ILE B 214 13.82 -0.18 10.90
CA ILE B 214 12.42 0.05 11.25
C ILE B 214 11.47 -0.58 10.26
N ALA B 215 12.04 -1.08 9.15
CA ALA B 215 11.30 -1.65 8.04
C ALA B 215 12.28 -2.32 7.11
N THR B 216 11.73 -2.97 6.08
CA THR B 216 12.56 -3.59 5.06
C THR B 216 12.90 -2.56 3.99
N PRO B 217 14.21 -2.29 3.82
CA PRO B 217 14.63 -1.37 2.77
C PRO B 217 14.59 -2.01 1.39
N GLY B 218 14.22 -1.21 0.39
CA GLY B 218 14.32 -1.62 -0.99
C GLY B 218 15.75 -1.42 -1.46
N ALA B 219 16.05 -1.92 -2.64
CA ALA B 219 17.35 -1.76 -3.27
C ALA B 219 17.63 -0.30 -3.56
N ASP B 220 16.55 0.48 -3.70
CA ASP B 220 16.64 1.91 -3.95
C ASP B 220 17.24 2.63 -2.74
N SER B 221 16.76 2.26 -1.56
CA SER B 221 17.15 2.89 -0.30
C SER B 221 18.54 2.46 0.14
N LEU B 222 18.81 1.16 0.04
CA LEU B 222 20.13 0.57 0.33
C LEU B 222 21.25 1.23 -0.48
N LYS B 223 20.99 1.51 -1.75
CA LYS B 223 21.93 2.23 -2.62
C LYS B 223 22.10 3.69 -2.19
N ALA B 224 21.02 4.30 -1.70
CA ALA B 224 21.04 5.68 -1.23
C ALA B 224 21.74 5.81 0.11
N ALA B 225 21.63 4.78 0.94
CA ALA B 225 22.36 4.73 2.21
C ALA B 225 23.86 4.55 1.96
N ALA B 226 24.20 3.78 0.93
CA ALA B 226 25.59 3.48 0.57
C ALA B 226 26.24 4.55 -0.32
N HIS B 227 25.45 5.16 -1.19
CA HIS B 227 25.92 6.26 -2.03
C HIS B 227 24.94 7.44 -2.03
N PRO B 228 24.93 8.25 -0.94
CA PRO B 228 24.10 9.45 -0.89
C PRO B 228 24.62 10.56 -1.80
N ALA B 229 23.81 11.60 -2.01
CA ALA B 229 24.28 12.79 -2.71
C ALA B 229 25.28 13.54 -1.84
N LYS B 230 26.23 14.22 -2.47
CA LYS B 230 27.25 14.99 -1.76
C LYS B 230 26.77 16.43 -1.56
N THR B 231 25.97 16.64 -0.52
CA THR B 231 25.37 17.94 -0.24
C THR B 231 25.75 18.43 1.16
N PRO B 232 25.65 19.76 1.41
CA PRO B 232 25.79 20.23 2.78
C PRO B 232 24.44 20.43 3.51
N TYR B 233 23.37 19.82 3.02
CA TYR B 233 22.03 20.00 3.59
C TYR B 233 21.85 19.28 4.93
N LEU B 234 21.10 19.90 5.83
CA LEU B 234 20.80 19.36 7.17
C LEU B 234 19.31 19.44 7.49
N TYR B 235 18.55 20.01 6.57
CA TYR B 235 17.11 20.19 6.77
C TYR B 235 16.31 19.94 5.51
N PHE B 236 15.15 19.31 5.65
CA PHE B 236 14.13 19.33 4.60
C PHE B 236 12.71 19.52 5.14
N VAL B 237 11.87 20.18 4.36
CA VAL B 237 10.47 20.38 4.68
C VAL B 237 9.66 20.30 3.38
N ALA B 238 8.40 19.87 3.49
CA ALA B 238 7.48 19.84 2.35
C ALA B 238 7.33 21.24 1.74
N ASP B 239 7.23 21.31 0.40
CA ASP B 239 7.03 22.59 -0.28
C ASP B 239 5.55 22.96 -0.43
N GLY B 240 4.68 21.99 -0.17
CA GLY B 240 3.28 22.18 -0.34
C GLY B 240 2.70 21.73 -1.67
N LYS B 241 3.56 21.38 -2.61
CA LYS B 241 3.11 20.83 -3.88
C LYS B 241 2.96 19.32 -3.78
N GLY B 242 4.09 18.62 -3.85
CA GLY B 242 4.31 17.42 -3.07
C GLY B 242 5.75 17.04 -3.11
N GLY B 243 6.59 18.05 -3.16
CA GLY B 243 8.07 17.92 -3.06
C GLY B 243 8.63 18.34 -1.72
N HIS B 244 9.94 18.57 -1.67
CA HIS B 244 10.61 19.08 -0.47
C HIS B 244 11.65 20.15 -0.81
N THR B 245 11.78 21.15 0.08
CA THR B 245 12.86 22.14 -0.03
C THR B 245 13.99 21.78 0.95
N PHE B 246 15.23 21.77 0.45
CA PHE B 246 16.38 21.38 1.24
C PHE B 246 17.21 22.59 1.66
N ASN B 247 17.66 22.60 2.92
CA ASN B 247 18.42 23.72 3.49
C ASN B 247 19.62 23.30 4.34
N THR B 248 20.59 24.21 4.46
CA THR B 248 21.85 23.94 5.14
C THR B 248 21.88 24.47 6.58
N ASN B 249 21.00 25.43 6.88
CA ASN B 249 21.00 26.10 8.18
C ASN B 249 19.58 26.30 8.71
N LEU B 250 19.48 26.62 10.00
CA LEU B 250 18.19 26.76 10.67
C LEU B 250 17.33 27.93 10.18
N ALA B 251 17.96 29.05 9.85
CA ALA B 251 17.23 30.26 9.48
C ALA B 251 16.58 30.11 8.10
N SER B 252 17.33 29.51 7.17
CA SER B 252 16.82 29.17 5.85
C SER B 252 15.68 28.16 5.96
N HIS B 253 15.89 27.16 6.81
CA HIS B 253 14.87 26.15 7.06
C HIS B 253 13.58 26.76 7.56
N ASN B 254 13.69 27.60 8.61
CA ASN B 254 12.54 28.26 9.22
C ASN B 254 11.75 29.14 8.24
N LYS B 255 12.46 29.72 7.27
CA LYS B 255 11.84 30.45 6.17
C LYS B 255 11.04 29.53 5.26
N SER B 256 11.68 28.42 4.85
CA SER B 256 11.06 27.41 3.99
C SER B 256 9.84 26.77 4.65
N VAL B 257 9.87 26.70 5.98
CA VAL B 257 8.73 26.24 6.78
C VAL B 257 7.57 27.22 6.65
N GLN B 258 7.88 28.52 6.73
CA GLN B 258 6.88 29.57 6.59
C GLN B 258 6.28 29.63 5.18
N ASP B 259 7.11 29.35 4.18
CA ASP B 259 6.65 29.24 2.79
C ASP B 259 5.61 28.12 2.64
N TYR B 260 5.92 26.97 3.23
CA TYR B 260 5.05 25.81 3.23
C TYR B 260 3.70 26.07 3.88
N LEU B 261 3.70 26.81 4.99
CA LEU B 261 2.46 27.11 5.70
C LEU B 261 1.59 28.14 4.98
N LYS B 262 2.24 29.04 4.23
CA LYS B 262 1.55 30.02 3.39
C LYS B 262 0.77 29.30 2.30
N VAL B 263 1.48 28.41 1.60
CA VAL B 263 0.93 27.54 0.56
C VAL B 263 -0.26 26.73 1.08
N LEU B 264 -0.15 26.21 2.30
CA LEU B 264 -1.24 25.46 2.93
C LEU B 264 -2.43 26.32 3.36
N LYS B 265 -2.18 27.57 3.75
CA LYS B 265 -3.25 28.49 4.15
C LYS B 265 -4.07 28.90 2.94
N GLU B 266 -3.37 29.18 1.85
CA GLU B 266 -3.95 29.56 0.56
C GLU B 266 -4.82 28.42 0.00
N LYS B 267 -4.50 27.20 0.41
CA LYS B 267 -5.18 26.01 -0.08
CA LYS B 267 -5.18 26.01 -0.08
C LYS B 267 -6.36 25.60 0.81
N ASN B 268 -6.08 25.32 2.09
CA ASN B 268 -7.07 24.80 3.03
C ASN B 268 -8.14 25.78 3.56
N ALA B 269 -7.86 27.08 3.45
CA ALA B 269 -8.84 28.09 3.85
C ALA B 269 -9.56 28.66 2.63
N GLN B 270 -10.79 29.12 2.85
CA GLN B 270 -11.63 29.71 1.80
C GLN B 270 -11.82 31.20 2.01
CD CD C . -11.81 1.12 2.99
CD CD D . -29.39 4.00 8.36
CD CD E . -6.97 14.47 5.77
CD CD F . -20.90 -13.77 -23.76
CD CD G . 1.40 -14.60 -17.67
CD CD H . -13.92 -11.99 1.45
CD CD I . -15.82 -42.43 -10.45
CD CD J . -22.96 -5.25 -15.12
CD CD K . -23.51 8.20 -21.35
S SO4 L . -22.94 -1.89 -14.53
O1 SO4 L . -24.15 -1.90 -13.72
O2 SO4 L . -22.30 -3.19 -14.43
O3 SO4 L . -23.27 -1.62 -15.93
O4 SO4 L . -22.05 -0.84 -14.05
C1 GOL M . -13.52 19.12 1.64
O1 GOL M . -12.85 18.21 0.82
C2 GOL M . -12.49 19.86 2.48
O2 GOL M . -11.60 18.92 3.06
C3 GOL M . -13.17 20.64 3.59
O3 GOL M . -14.03 19.76 4.27
C1 GOL N . -28.30 12.59 6.11
O1 GOL N . -28.54 11.19 6.12
C2 GOL N . -26.85 12.87 6.45
O2 GOL N . -26.14 13.13 5.26
C3 GOL N . -26.78 14.11 7.33
O3 GOL N . -25.42 14.41 7.55
C1 GOL O . 0.69 -13.00 -2.30
O1 GOL O . 1.43 -12.30 -1.34
C2 GOL O . -0.56 -12.22 -2.63
O2 GOL O . -1.62 -12.72 -1.86
C3 GOL O . -0.91 -12.36 -4.11
O3 GOL O . -1.17 -11.09 -4.68
CD CD P . 11.92 1.87 -1.79
CD CD Q . -2.08 -22.37 6.43
CD CD R . 7.66 14.69 3.74
CD CD S . 13.28 -9.98 -8.28
CD CD T . 29.41 6.86 -4.92
CD CD U . 22.68 -14.07 9.03
#